data_3WHS
#
_entry.id   3WHS
#
_cell.length_a   60.075
_cell.length_b   71.666
_cell.length_c   144.357
_cell.angle_alpha   90.00
_cell.angle_beta   90.00
_cell.angle_gamma   90.00
#
_symmetry.space_group_name_H-M   'P 21 21 21'
#
loop_
_entity.id
_entity.type
_entity.pdbx_description
1 polymer 'Gamma-glutamyltranspeptidase large chain'
2 polymer 'Gamma-glutamyltranspeptidase small chain'
3 non-polymer '(2S)-AMINO[(5S)-3-CHLORO-4,5-DIHYDROISOXAZOL-5-YL]ACETIC ACID'
4 water water
#
loop_
_entity_poly.entity_id
_entity_poly.type
_entity_poly.pdbx_seq_one_letter_code
_entity_poly.pdbx_strand_id
1 'polypeptide(L)'
;MNHKVHHHHHHIEGRHMKRTWNVCLTALLSVLLVAGSVPFHAEAKKPPKSYDEYKQVDVGKDGMVATAHPLASEIGADVL
KKGGNAIDAAVAIQFALNVTEPMMSGIGGGGFMMVYDGKTKDTTIIDSRERAPAGATPDMFLDENGKAIPFSERVTKGTA
VGVPGTLKGLEEALDKWGTRSMKQLITPSIKLAEKGFPIDSVLAEAISDYQEKLSRTAAKDVFLPNGEPLKEGDTLIQKD
LAKTFKLIRSKGTDAFYKGKFAKTLSDTVQDFGGSMTEKDLENYDITIDEPIWGDYQGYQIATTPPPSSGGIFLLQMLKI
LDHFNLSQYDVRSWEKYQLLAETMHLSYADRASYAGDPEFVNVPLKGLLHPDYIKERQQLINLDQVNKKPKAGDPWKYQE
GSANYKQVEQPKDKVEGQ
;
A
2 'polypeptide(L)'
;TTHFTVADRWGNVVSYTTTIEQLFGTGIMVPDYGVILNNELTDFDAIPGGANEVQPNKRPLSSMTPTILFKDDKPVLTVG
SPGGATIISSVLQTILYHIEYGMELKAAVEEPRIYTNSMSSYRYEDGVPKDVLSKLNGMGHKFGTSPVDIGNVQSISIDH
ENGTFKGVADSSRNGAAIGINLKRK
;
B
#
# COMPACT_ATOMS: atom_id res chain seq x y z
N GLU A 53 20.04 2.69 -19.34
CA GLU A 53 19.20 3.86 -18.95
C GLU A 53 17.73 3.44 -18.81
N TYR A 54 17.14 3.78 -17.67
CA TYR A 54 15.71 3.56 -17.44
C TYR A 54 15.06 4.92 -17.31
N LYS A 55 13.79 5.02 -17.66
CA LYS A 55 13.10 6.28 -17.48
C LYS A 55 11.88 6.19 -16.56
N GLN A 56 11.52 7.33 -16.01
CA GLN A 56 10.41 7.41 -15.10
C GLN A 56 9.13 7.87 -15.77
N VAL A 57 9.20 8.11 -17.09
CA VAL A 57 8.03 8.32 -17.92
C VAL A 57 8.23 7.59 -19.24
N ASP A 58 7.21 6.88 -19.69
CA ASP A 58 7.27 6.19 -20.98
C ASP A 58 5.90 6.09 -21.59
N VAL A 59 5.87 5.77 -22.88
CA VAL A 59 4.65 5.64 -23.64
C VAL A 59 4.80 4.35 -24.44
N GLY A 60 3.67 3.75 -24.79
CA GLY A 60 3.67 2.54 -25.61
C GLY A 60 2.32 2.29 -26.21
N LYS A 61 2.30 1.50 -27.28
CA LYS A 61 1.07 1.13 -27.99
C LYS A 61 0.38 -0.15 -27.53
N ASP A 62 1.15 -1.07 -26.96
CA ASP A 62 0.66 -2.41 -26.69
C ASP A 62 0.71 -2.78 -25.23
N GLY A 63 1.09 -1.84 -24.39
CA GLY A 63 1.00 -2.04 -22.93
C GLY A 63 1.92 -1.12 -22.18
N MET A 64 1.92 -1.24 -20.85
CA MET A 64 2.73 -0.37 -20.02
C MET A 64 2.95 -1.06 -18.68
N VAL A 65 4.15 -0.90 -18.14
CA VAL A 65 4.53 -1.35 -16.79
C VAL A 65 5.14 -0.16 -16.03
N ALA A 66 4.77 0.05 -14.76
CA ALA A 66 5.46 1.02 -13.91
C ALA A 66 5.62 0.39 -12.53
N THR A 67 6.87 0.25 -12.08
CA THR A 67 7.15 -0.30 -10.76
C THR A 67 8.28 0.52 -10.12
N ALA A 68 8.53 0.26 -8.83
CA ALA A 68 9.57 0.99 -8.10
C ALA A 68 10.99 0.49 -8.32
N HIS A 69 11.18 -0.56 -9.13
CA HIS A 69 12.52 -1.10 -9.35
C HIS A 69 12.73 -1.48 -10.78
N PRO A 70 13.80 -0.95 -11.40
CA PRO A 70 14.02 -1.23 -12.83
C PRO A 70 14.08 -2.73 -13.19
N LEU A 71 14.69 -3.55 -12.35
CA LEU A 71 14.74 -4.98 -12.63
C LEU A 71 13.35 -5.64 -12.64
N ALA A 72 12.47 -5.19 -11.76
CA ALA A 72 11.09 -5.66 -11.73
C ALA A 72 10.32 -5.15 -12.95
N SER A 73 10.52 -3.89 -13.32
CA SER A 73 9.84 -3.37 -14.51
C SER A 73 10.28 -4.16 -15.74
N GLU A 74 11.57 -4.46 -15.82
CA GLU A 74 12.12 -5.24 -16.94
C GLU A 74 11.44 -6.61 -17.03
N ILE A 75 11.34 -7.29 -15.91
CA ILE A 75 10.68 -8.60 -15.85
C ILE A 75 9.22 -8.55 -16.25
N GLY A 76 8.48 -7.56 -15.75
CA GLY A 76 7.06 -7.37 -16.10
C GLY A 76 6.91 -7.10 -17.60
N ALA A 77 7.71 -6.15 -18.11
CA ALA A 77 7.69 -5.85 -19.54
C ALA A 77 8.01 -7.08 -20.41
N ASP A 78 9.00 -7.88 -19.99
CA ASP A 78 9.35 -9.10 -20.69
C ASP A 78 8.19 -10.08 -20.79
N VAL A 79 7.45 -10.23 -19.70
CA VAL A 79 6.26 -11.08 -19.73
C VAL A 79 5.30 -10.61 -20.82
N LEU A 80 5.07 -9.29 -20.92
CA LEU A 80 4.11 -8.75 -21.90
C LEU A 80 4.63 -8.92 -23.34
N LYS A 81 5.91 -8.64 -23.53
CA LYS A 81 6.54 -8.82 -24.85
C LYS A 81 6.40 -10.28 -25.34
N LYS A 82 6.44 -11.22 -24.40
CA LYS A 82 6.38 -12.65 -24.75
C LYS A 82 4.95 -13.21 -24.79
N GLY A 83 3.96 -12.30 -24.74
CA GLY A 83 2.57 -12.67 -25.00
C GLY A 83 1.70 -12.89 -23.77
N GLY A 84 2.28 -12.65 -22.58
CA GLY A 84 1.52 -12.77 -21.31
C GLY A 84 0.61 -11.57 -21.17
N ASN A 85 -0.35 -11.66 -20.26
CA ASN A 85 -1.23 -10.53 -19.98
C ASN A 85 -0.80 -9.71 -18.75
N ALA A 86 -1.54 -8.65 -18.43
CA ALA A 86 -1.19 -7.77 -17.32
C ALA A 86 -1.16 -8.51 -15.99
N ILE A 87 -1.98 -9.53 -15.85
CA ILE A 87 -2.04 -10.30 -14.59
C ILE A 87 -0.80 -11.19 -14.48
N ASP A 88 -0.47 -11.91 -15.56
CA ASP A 88 0.81 -12.65 -15.60
C ASP A 88 1.98 -11.72 -15.25
N ALA A 89 2.02 -10.55 -15.89
CA ALA A 89 3.12 -9.62 -15.64
C ALA A 89 3.16 -9.11 -14.20
N ALA A 90 1.98 -8.80 -13.65
CA ALA A 90 1.89 -8.34 -12.28
C ALA A 90 2.42 -9.39 -11.30
N VAL A 91 2.11 -10.66 -11.55
CA VAL A 91 2.59 -11.77 -10.71
C VAL A 91 4.13 -11.88 -10.78
N ALA A 92 4.64 -11.82 -12.00
CA ALA A 92 6.10 -11.84 -12.18
C ALA A 92 6.76 -10.66 -11.44
N ILE A 93 6.15 -9.47 -11.52
CA ILE A 93 6.66 -8.27 -10.88
C ILE A 93 6.70 -8.45 -9.36
N GLN A 94 5.65 -9.03 -8.80
CA GLN A 94 5.63 -9.21 -7.33
C GLN A 94 6.82 -10.07 -6.90
N PHE A 95 7.03 -11.20 -7.58
CA PHE A 95 8.22 -12.00 -7.24
C PHE A 95 9.53 -11.21 -7.37
N ALA A 96 9.65 -10.45 -8.47
CA ALA A 96 10.84 -9.67 -8.73
C ALA A 96 11.07 -8.61 -7.65
N LEU A 97 10.02 -7.90 -7.24
CA LEU A 97 10.14 -6.92 -6.17
C LEU A 97 10.47 -7.58 -4.81
N ASN A 98 9.94 -8.78 -4.59
CA ASN A 98 10.27 -9.57 -3.38
C ASN A 98 11.79 -9.76 -3.27
N VAL A 99 12.44 -9.92 -4.41
CA VAL A 99 13.90 -10.13 -4.40
C VAL A 99 14.67 -8.81 -4.39
N THR A 100 14.26 -7.87 -5.24
CA THR A 100 15.09 -6.69 -5.52
C THR A 100 14.75 -5.49 -4.68
N GLU A 101 13.54 -5.50 -4.10
CA GLU A 101 13.10 -4.44 -3.20
C GLU A 101 12.57 -5.14 -1.96
N PRO A 102 13.45 -5.92 -1.29
CA PRO A 102 13.02 -6.91 -0.30
C PRO A 102 12.51 -6.30 0.99
N MET A 103 12.82 -5.01 1.24
CA MET A 103 12.31 -4.33 2.45
C MET A 103 10.84 -3.94 2.34
N MET A 104 10.29 -3.90 1.10
CA MET A 104 8.99 -3.30 0.87
C MET A 104 7.83 -4.28 0.71
N SER A 105 8.10 -5.49 0.23
CA SER A 105 7.00 -6.44 -0.05
C SER A 105 7.52 -7.83 -0.29
N GLY A 106 6.61 -8.80 -0.27
CA GLY A 106 6.93 -10.15 -0.75
C GLY A 106 6.04 -11.20 -0.13
N ILE A 107 6.46 -12.46 -0.24
CA ILE A 107 5.62 -13.57 0.20
C ILE A 107 5.50 -13.65 1.73
N GLY A 108 6.29 -12.82 2.42
CA GLY A 108 6.13 -12.69 3.89
C GLY A 108 5.03 -11.72 4.31
N GLY A 109 4.31 -11.15 3.36
CA GLY A 109 3.37 -10.06 3.62
C GLY A 109 2.00 -10.22 2.96
N GLY A 110 1.39 -9.10 2.59
CA GLY A 110 0.05 -9.12 1.99
C GLY A 110 -0.19 -7.82 1.24
N GLY A 111 -1.29 -7.78 0.50
CA GLY A 111 -1.58 -6.65 -0.33
C GLY A 111 -3.01 -6.62 -0.85
N PHE A 112 -3.27 -5.59 -1.67
CA PHE A 112 -4.53 -5.40 -2.36
C PHE A 112 -4.24 -5.25 -3.84
N MET A 113 -4.78 -6.18 -4.62
CA MET A 113 -4.51 -6.23 -6.05
C MET A 113 -5.82 -5.99 -6.79
N MET A 114 -5.97 -4.78 -7.34
CA MET A 114 -7.17 -4.39 -8.09
C MET A 114 -6.96 -4.72 -9.56
N VAL A 115 -7.91 -5.46 -10.13
CA VAL A 115 -7.81 -5.91 -11.52
C VAL A 115 -9.08 -5.56 -12.27
N TYR A 116 -8.93 -4.82 -13.36
CA TYR A 116 -10.01 -4.66 -14.33
C TYR A 116 -9.77 -5.70 -15.43
N ASP A 117 -10.77 -6.55 -15.60
CA ASP A 117 -10.83 -7.64 -16.56
C ASP A 117 -11.36 -7.10 -17.89
N GLY A 118 -10.49 -7.04 -18.88
CA GLY A 118 -10.81 -6.46 -20.20
C GLY A 118 -11.82 -7.27 -20.97
N LYS A 119 -12.00 -8.53 -20.58
CA LYS A 119 -13.03 -9.34 -21.21
C LYS A 119 -14.42 -9.18 -20.58
N THR A 120 -14.53 -9.33 -19.26
CA THR A 120 -15.82 -9.27 -18.57
C THR A 120 -16.21 -7.84 -18.24
N LYS A 121 -15.23 -6.93 -18.30
CA LYS A 121 -15.36 -5.52 -17.95
C LYS A 121 -15.67 -5.34 -16.46
N ASP A 122 -15.39 -6.36 -15.67
CA ASP A 122 -15.57 -6.31 -14.21
C ASP A 122 -14.27 -5.85 -13.55
N THR A 123 -14.39 -5.13 -12.44
CA THR A 123 -13.23 -4.76 -11.62
C THR A 123 -13.39 -5.47 -10.28
N THR A 124 -12.35 -6.18 -9.85
CA THR A 124 -12.40 -6.88 -8.56
C THR A 124 -11.05 -6.75 -7.84
N ILE A 125 -11.03 -7.04 -6.56
CA ILE A 125 -9.80 -6.89 -5.77
C ILE A 125 -9.45 -8.24 -5.15
N ILE A 126 -8.23 -8.74 -5.39
CA ILE A 126 -7.70 -9.87 -4.64
C ILE A 126 -7.10 -9.27 -3.39
N ASP A 127 -7.74 -9.58 -2.25
CA ASP A 127 -7.32 -9.02 -0.96
C ASP A 127 -6.52 -10.08 -0.21
N SER A 128 -5.20 -9.91 -0.20
CA SER A 128 -4.30 -10.83 0.48
C SER A 128 -3.77 -10.22 1.79
N ARG A 129 -4.57 -9.35 2.40
CA ARG A 129 -4.22 -8.76 3.65
C ARG A 129 -4.06 -9.90 4.66
N GLU A 130 -3.04 -9.78 5.49
CA GLU A 130 -2.70 -10.84 6.47
C GLU A 130 -3.79 -10.93 7.55
N ARG A 131 -3.97 -12.13 8.11
CA ARG A 131 -4.90 -12.37 9.22
C ARG A 131 -4.15 -12.52 10.54
N ALA A 132 -4.76 -12.04 11.62
CA ALA A 132 -4.24 -12.33 12.95
C ALA A 132 -4.42 -13.84 13.20
N PRO A 133 -3.43 -14.47 13.85
CA PRO A 133 -3.55 -15.89 14.20
C PRO A 133 -4.68 -16.14 15.20
N ALA A 134 -5.10 -17.41 15.30
CA ALA A 134 -6.17 -17.81 16.22
C ALA A 134 -5.84 -17.44 17.67
N GLY A 135 -4.54 -17.42 18.01
CA GLY A 135 -4.07 -17.12 19.37
C GLY A 135 -3.89 -15.66 19.71
N ALA A 136 -4.20 -14.78 18.75
CA ALA A 136 -4.17 -13.33 18.98
C ALA A 136 -5.32 -12.92 19.92
N THR A 137 -5.10 -11.86 20.68
CA THR A 137 -6.10 -11.40 21.66
C THR A 137 -6.19 -9.87 21.60
N PRO A 138 -7.38 -9.30 21.92
CA PRO A 138 -7.52 -7.82 21.89
C PRO A 138 -6.43 -7.05 22.66
N ASP A 139 -5.94 -7.62 23.76
CA ASP A 139 -4.97 -6.94 24.61
C ASP A 139 -3.53 -7.35 24.34
N MET A 140 -3.25 -7.99 23.20
CA MET A 140 -1.90 -8.54 22.99
C MET A 140 -0.80 -7.48 22.85
N PHE A 141 -1.16 -6.23 22.55
CA PHE A 141 -0.16 -5.15 22.50
C PHE A 141 -0.12 -4.30 23.78
N LEU A 142 -0.74 -4.79 24.85
CA LEU A 142 -0.68 -4.07 26.13
C LEU A 142 0.29 -4.70 27.12
N ASP A 143 0.90 -3.88 27.97
CA ASP A 143 1.80 -4.37 29.02
C ASP A 143 0.95 -4.87 30.19
N GLU A 144 1.62 -5.28 31.27
CA GLU A 144 0.88 -5.86 32.41
C GLU A 144 0.02 -4.81 33.15
N ASN A 145 0.33 -3.54 32.92
CA ASN A 145 -0.41 -2.42 33.49
C ASN A 145 -1.55 -1.98 32.56
N GLY A 146 -1.72 -2.67 31.43
CA GLY A 146 -2.82 -2.38 30.50
C GLY A 146 -2.61 -1.15 29.63
N LYS A 147 -1.35 -0.74 29.53
CA LYS A 147 -0.98 0.37 28.67
C LYS A 147 -0.22 -0.15 27.47
N ALA A 148 -0.30 0.60 26.37
CA ALA A 148 0.30 0.19 25.11
C ALA A 148 1.82 0.02 25.19
N ILE A 149 2.27 -1.11 24.66
CA ILE A 149 3.70 -1.32 24.45
C ILE A 149 4.16 -0.31 23.38
N PRO A 150 5.28 0.40 23.61
CA PRO A 150 5.69 1.40 22.62
C PRO A 150 5.81 0.81 21.22
N PHE A 151 5.32 1.55 20.24
CA PHE A 151 5.28 1.07 18.86
C PHE A 151 6.59 0.42 18.38
N SER A 152 7.72 1.07 18.62
CA SER A 152 9.00 0.61 18.13
C SER A 152 9.36 -0.77 18.69
N GLU A 153 8.90 -1.06 19.90
CA GLU A 153 9.07 -2.39 20.50
C GLU A 153 8.11 -3.42 19.91
N ARG A 154 6.91 -3.00 19.53
CA ARG A 154 5.89 -3.91 18.99
C ARG A 154 6.37 -4.50 17.67
N VAL A 155 7.04 -3.65 16.87
CA VAL A 155 7.37 -3.96 15.48
C VAL A 155 8.20 -5.24 15.33
N THR A 156 9.07 -5.50 16.30
CA THR A 156 10.03 -6.59 16.19
C THR A 156 9.59 -7.89 16.90
N LYS A 157 8.39 -7.91 17.47
CA LYS A 157 7.92 -9.08 18.23
C LYS A 157 7.15 -10.03 17.34
N GLY A 158 7.14 -11.32 17.67
CA GLY A 158 6.38 -12.31 16.91
C GLY A 158 4.88 -12.04 16.89
N THR A 159 4.35 -11.39 17.94
CA THR A 159 2.92 -11.04 17.97
C THR A 159 2.50 -10.11 16.82
N ALA A 160 3.47 -9.44 16.19
CA ALA A 160 3.20 -8.48 15.08
C ALA A 160 2.98 -9.18 13.74
N VAL A 161 3.34 -10.47 13.67
CA VAL A 161 3.34 -11.18 12.38
C VAL A 161 1.96 -11.71 12.01
N GLY A 162 1.40 -11.15 10.94
CA GLY A 162 0.13 -11.65 10.42
C GLY A 162 0.40 -12.88 9.55
N VAL A 163 -0.60 -13.74 9.43
CA VAL A 163 -0.50 -14.90 8.51
C VAL A 163 -0.34 -14.32 7.08
N PRO A 164 0.81 -14.59 6.40
CA PRO A 164 1.06 -13.97 5.10
C PRO A 164 0.09 -14.37 4.00
N GLY A 165 -0.35 -13.41 3.19
CA GLY A 165 -1.25 -13.72 2.12
C GLY A 165 -0.76 -13.59 0.69
N THR A 166 0.32 -12.82 0.45
CA THR A 166 0.77 -12.47 -0.91
C THR A 166 0.81 -13.67 -1.87
N LEU A 167 1.46 -14.76 -1.47
CA LEU A 167 1.55 -15.92 -2.35
C LEU A 167 0.17 -16.49 -2.72
N LYS A 168 -0.72 -16.58 -1.73
CA LYS A 168 -2.07 -17.06 -1.98
C LYS A 168 -2.80 -16.14 -2.97
N GLY A 169 -2.54 -14.83 -2.85
CA GLY A 169 -3.07 -13.82 -3.77
C GLY A 169 -2.59 -14.05 -5.18
N LEU A 170 -1.29 -14.28 -5.36
CA LEU A 170 -0.75 -14.51 -6.71
C LEU A 170 -1.37 -15.76 -7.36
N GLU A 171 -1.46 -16.83 -6.58
CA GLU A 171 -2.10 -18.05 -7.04
C GLU A 171 -3.53 -17.82 -7.51
N GLU A 172 -4.29 -17.03 -6.74
CA GLU A 172 -5.69 -16.75 -7.09
C GLU A 172 -5.74 -15.93 -8.37
N ALA A 173 -4.84 -14.94 -8.47
CA ALA A 173 -4.83 -14.07 -9.64
C ALA A 173 -4.58 -14.92 -10.88
N LEU A 174 -3.63 -15.86 -10.80
CA LEU A 174 -3.34 -16.70 -11.97
C LEU A 174 -4.51 -17.62 -12.24
N ASP A 175 -5.13 -18.16 -11.18
CA ASP A 175 -6.28 -19.02 -11.39
C ASP A 175 -7.40 -18.30 -12.15
N LYS A 176 -7.64 -17.04 -11.79
CA LYS A 176 -8.72 -16.26 -12.41
C LYS A 176 -8.41 -15.76 -13.82
N TRP A 177 -7.18 -15.28 -14.05
CA TRP A 177 -6.88 -14.52 -15.28
C TRP A 177 -5.61 -14.95 -15.99
N GLY A 178 -4.85 -15.87 -15.40
CA GLY A 178 -3.49 -16.16 -15.87
C GLY A 178 -3.47 -16.85 -17.22
N THR A 179 -2.44 -16.56 -18.01
CA THR A 179 -2.20 -17.32 -19.23
C THR A 179 -0.79 -17.91 -19.24
N ARG A 180 -0.06 -17.67 -18.16
CA ARG A 180 1.30 -18.16 -18.01
C ARG A 180 1.33 -18.86 -16.65
N SER A 181 2.15 -19.89 -16.54
CA SER A 181 2.25 -20.64 -15.31
C SER A 181 3.03 -19.92 -14.20
N MET A 182 2.70 -20.17 -12.94
CA MET A 182 3.53 -19.62 -11.84
C MET A 182 4.99 -20.10 -12.02
N LYS A 183 5.17 -21.27 -12.60
CA LYS A 183 6.53 -21.80 -12.81
C LYS A 183 7.30 -20.93 -13.79
N GLN A 184 6.65 -20.47 -14.86
CA GLN A 184 7.31 -19.54 -15.78
C GLN A 184 7.59 -18.20 -15.12
N LEU A 185 6.60 -17.69 -14.40
CA LEU A 185 6.64 -16.35 -13.85
C LEU A 185 7.61 -16.18 -12.69
N ILE A 186 7.82 -17.24 -11.90
CA ILE A 186 8.66 -17.10 -10.73
C ILE A 186 10.14 -17.29 -11.13
N THR A 187 10.37 -17.93 -12.27
CA THR A 187 11.74 -18.32 -12.67
C THR A 187 12.75 -17.18 -12.72
N PRO A 188 12.41 -16.04 -13.35
CA PRO A 188 13.36 -14.94 -13.34
C PRO A 188 13.77 -14.45 -11.94
N SER A 189 12.84 -14.53 -10.98
CA SER A 189 13.16 -14.13 -9.62
C SER A 189 14.02 -15.18 -8.89
N ILE A 190 13.81 -16.46 -9.18
CA ILE A 190 14.70 -17.49 -8.65
C ILE A 190 16.14 -17.16 -9.06
N LYS A 191 16.31 -16.75 -10.31
CA LYS A 191 17.67 -16.43 -10.81
C LYS A 191 18.27 -15.20 -10.12
N LEU A 192 17.48 -14.13 -10.00
CA LEU A 192 17.93 -12.94 -9.24
C LEU A 192 18.30 -13.23 -7.78
N ALA A 193 17.55 -14.11 -7.12
CA ALA A 193 17.82 -14.50 -5.74
C ALA A 193 19.09 -15.35 -5.63
N GLU A 194 19.22 -16.34 -6.53
CA GLU A 194 20.35 -17.27 -6.50
C GLU A 194 21.66 -16.59 -6.95
N LYS A 195 21.60 -15.86 -8.05
CA LYS A 195 22.80 -15.31 -8.67
C LYS A 195 23.12 -13.90 -8.17
N GLY A 196 22.10 -13.19 -7.69
CA GLY A 196 22.30 -11.88 -7.11
C GLY A 196 22.13 -10.73 -8.09
N PHE A 197 22.12 -9.52 -7.55
CA PHE A 197 22.05 -8.29 -8.35
C PHE A 197 22.68 -7.17 -7.52
N PRO A 198 23.11 -6.07 -8.19
CA PRO A 198 23.70 -4.97 -7.42
C PRO A 198 22.62 -4.08 -6.79
N ILE A 199 22.74 -3.82 -5.50
CA ILE A 199 21.65 -3.11 -4.79
C ILE A 199 21.58 -1.62 -5.14
N ASP A 200 20.34 -1.11 -5.25
CA ASP A 200 20.13 0.31 -5.57
C ASP A 200 20.24 1.18 -4.32
N SER A 201 20.11 2.48 -4.49
CA SER A 201 20.28 3.44 -3.38
C SER A 201 19.23 3.27 -2.29
N VAL A 202 17.98 3.02 -2.70
CA VAL A 202 16.88 2.91 -1.74
C VAL A 202 17.08 1.69 -0.83
N LEU A 203 17.43 0.56 -1.43
CA LEU A 203 17.77 -0.65 -0.65
C LEU A 203 18.98 -0.43 0.27
N ALA A 204 20.05 0.13 -0.27
CA ALA A 204 21.24 0.43 0.52
C ALA A 204 20.92 1.30 1.73
N GLU A 205 20.13 2.37 1.53
CA GLU A 205 19.74 3.25 2.66
C GLU A 205 18.89 2.48 3.68
N ALA A 206 18.01 1.59 3.19
CA ALA A 206 17.17 0.80 4.07
C ALA A 206 18.00 -0.13 4.96
N ILE A 207 18.96 -0.86 4.38
CA ILE A 207 19.76 -1.79 5.19
C ILE A 207 20.47 -1.04 6.33
N SER A 208 21.05 0.09 5.98
CA SER A 208 21.71 0.98 6.95
C SER A 208 20.76 1.50 8.04
N ASP A 209 19.62 2.04 7.62
CA ASP A 209 18.63 2.57 8.56
C ASP A 209 18.11 1.50 9.52
N TYR A 210 17.94 0.28 9.03
CA TYR A 210 17.29 -0.77 9.83
C TYR A 210 18.27 -1.84 10.32
N GLN A 211 19.54 -1.46 10.38
CA GLN A 211 20.61 -2.36 10.77
C GLN A 211 20.38 -3.05 12.11
N GLU A 212 19.81 -2.33 13.08
CA GLU A 212 19.61 -2.92 14.40
C GLU A 212 18.63 -4.07 14.45
N LYS A 213 17.42 -3.91 13.89
CA LYS A 213 16.49 -5.05 13.94
C LYS A 213 16.93 -6.22 13.05
N LEU A 214 17.66 -5.93 11.98
CA LEU A 214 18.15 -7.00 11.11
C LEU A 214 19.22 -7.80 11.85
N SER A 215 19.99 -7.09 12.68
CA SER A 215 21.08 -7.71 13.42
C SER A 215 20.62 -8.73 14.46
N ARG A 216 19.36 -8.62 14.90
CA ARG A 216 18.80 -9.53 15.91
C ARG A 216 18.30 -10.87 15.36
N THR A 217 18.27 -11.04 14.04
CA THR A 217 17.66 -12.24 13.48
C THR A 217 18.49 -12.89 12.37
N ALA A 218 17.96 -13.95 11.78
CA ALA A 218 18.62 -14.67 10.68
C ALA A 218 18.86 -13.78 9.45
N ALA A 219 18.14 -12.65 9.39
CA ALA A 219 18.30 -11.67 8.31
C ALA A 219 19.71 -11.09 8.27
N LYS A 220 20.44 -11.20 9.38
CA LYS A 220 21.78 -10.63 9.46
C LYS A 220 22.72 -11.30 8.45
N ASP A 221 22.53 -12.60 8.23
CA ASP A 221 23.40 -13.37 7.34
C ASP A 221 23.27 -12.93 5.88
N VAL A 222 22.13 -12.33 5.56
CA VAL A 222 21.83 -11.89 4.20
C VAL A 222 22.21 -10.44 3.96
N PHE A 223 21.79 -9.56 4.88
CA PHE A 223 21.93 -8.10 4.65
C PHE A 223 23.15 -7.51 5.35
N LEU A 224 23.64 -8.19 6.38
CA LEU A 224 24.80 -7.71 7.15
C LEU A 224 25.88 -8.80 7.25
N PRO A 225 26.33 -9.32 6.10
CA PRO A 225 27.35 -10.35 6.20
C PRO A 225 28.63 -9.72 6.76
N ASN A 226 29.33 -10.46 7.61
CA ASN A 226 30.53 -9.96 8.31
C ASN A 226 30.22 -8.78 9.27
N GLY A 227 28.95 -8.57 9.60
CA GLY A 227 28.53 -7.54 10.56
C GLY A 227 28.47 -6.16 9.94
N GLU A 228 28.61 -6.09 8.63
CA GLU A 228 28.59 -4.83 7.92
C GLU A 228 27.45 -4.80 6.90
N PRO A 229 26.69 -3.69 6.88
CA PRO A 229 25.63 -3.48 5.90
C PRO A 229 26.20 -3.43 4.48
N LEU A 230 25.54 -4.12 3.54
CA LEU A 230 25.88 -4.00 2.13
C LEU A 230 25.65 -2.57 1.63
N LYS A 231 26.51 -2.10 0.72
CA LYS A 231 26.44 -0.73 0.20
C LYS A 231 25.88 -0.69 -1.21
N GLU A 232 25.44 0.48 -1.66
CA GLU A 232 24.98 0.66 -3.03
C GLU A 232 25.99 0.06 -4.02
N GLY A 233 25.51 -0.78 -4.93
CA GLY A 233 26.37 -1.40 -5.93
C GLY A 233 26.90 -2.77 -5.53
N ASP A 234 26.89 -3.10 -4.23
CA ASP A 234 27.27 -4.44 -3.74
C ASP A 234 26.23 -5.46 -4.16
N THR A 235 26.68 -6.69 -4.37
CA THR A 235 25.80 -7.76 -4.85
C THR A 235 25.04 -8.37 -3.67
N LEU A 236 23.71 -8.41 -3.80
CA LEU A 236 22.89 -9.09 -2.78
C LEU A 236 22.52 -10.44 -3.33
N ILE A 237 22.84 -11.49 -2.57
CA ILE A 237 22.55 -12.87 -2.95
C ILE A 237 21.66 -13.40 -1.86
N GLN A 238 20.60 -14.11 -2.27
CA GLN A 238 19.57 -14.60 -1.36
C GLN A 238 19.33 -16.07 -1.66
N LYS A 239 20.32 -16.90 -1.33
CA LYS A 239 20.24 -18.34 -1.66
C LYS A 239 19.05 -19.04 -1.02
N ASP A 240 18.75 -18.72 0.24
CA ASP A 240 17.65 -19.38 0.94
C ASP A 240 16.31 -18.99 0.33
N LEU A 241 16.14 -17.73 0.00
CA LEU A 241 14.90 -17.30 -0.70
C LEU A 241 14.80 -17.98 -2.07
N ALA A 242 15.92 -18.07 -2.79
CA ALA A 242 15.94 -18.83 -4.05
C ALA A 242 15.39 -20.24 -3.85
N LYS A 243 15.86 -20.91 -2.80
CA LYS A 243 15.46 -22.27 -2.50
C LYS A 243 13.95 -22.30 -2.26
N THR A 244 13.47 -21.36 -1.47
CA THR A 244 12.03 -21.29 -1.18
C THR A 244 11.22 -21.12 -2.47
N PHE A 245 11.67 -20.22 -3.35
CA PHE A 245 11.00 -20.06 -4.63
C PHE A 245 11.03 -21.34 -5.48
N LYS A 246 12.16 -22.06 -5.46
CA LYS A 246 12.22 -23.40 -6.12
C LYS A 246 11.22 -24.40 -5.56
N LEU A 247 11.03 -24.39 -4.25
CA LEU A 247 10.05 -25.26 -3.61
C LEU A 247 8.64 -24.90 -4.03
N ILE A 248 8.35 -23.59 -4.06
CA ILE A 248 7.04 -23.11 -4.58
C ILE A 248 6.88 -23.54 -6.04
N ARG A 249 7.94 -23.41 -6.84
CA ARG A 249 7.84 -23.79 -8.24
C ARG A 249 7.55 -25.29 -8.38
N SER A 250 8.17 -26.10 -7.53
CA SER A 250 8.03 -27.55 -7.67
C SER A 250 6.77 -28.12 -7.04
N LYS A 251 6.35 -27.54 -5.90
CA LYS A 251 5.29 -28.15 -5.11
C LYS A 251 4.08 -27.28 -5.02
N GLY A 252 4.16 -26.06 -5.54
CA GLY A 252 3.01 -25.16 -5.51
C GLY A 252 2.93 -24.44 -4.17
N THR A 253 1.82 -23.73 -3.96
CA THR A 253 1.72 -22.88 -2.76
C THR A 253 1.69 -23.68 -1.46
N ASP A 254 1.43 -24.99 -1.53
CA ASP A 254 1.63 -25.88 -0.36
C ASP A 254 3.06 -25.84 0.20
N ALA A 255 4.04 -25.46 -0.62
CA ALA A 255 5.42 -25.33 -0.16
C ALA A 255 5.49 -24.25 0.92
N PHE A 256 4.51 -23.35 0.92
CA PHE A 256 4.46 -22.22 1.84
C PHE A 256 3.46 -22.48 2.98
N TYR A 257 2.24 -22.87 2.65
CA TYR A 257 1.14 -22.89 3.63
C TYR A 257 1.06 -24.19 4.43
N LYS A 258 1.89 -25.15 4.02
CA LYS A 258 1.95 -26.47 4.63
C LYS A 258 3.38 -26.98 4.73
N GLY A 259 3.56 -28.12 5.41
CA GLY A 259 4.86 -28.80 5.39
C GLY A 259 5.95 -28.15 6.20
N LYS A 260 7.19 -28.39 5.80
CA LYS A 260 8.32 -27.99 6.63
C LYS A 260 8.48 -26.47 6.72
N PHE A 261 8.15 -25.77 5.64
CA PHE A 261 8.27 -24.32 5.71
C PHE A 261 7.24 -23.77 6.68
N ALA A 262 6.02 -24.26 6.61
CA ALA A 262 4.95 -23.77 7.49
C ALA A 262 5.29 -24.02 8.97
N LYS A 263 5.86 -25.18 9.24
CA LYS A 263 6.30 -25.49 10.60
C LYS A 263 7.41 -24.54 11.05
N THR A 264 8.42 -24.31 10.19
CA THR A 264 9.56 -23.45 10.48
C THR A 264 9.06 -22.01 10.68
N LEU A 265 8.22 -21.51 9.77
CA LEU A 265 7.68 -20.14 9.95
C LEU A 265 6.93 -20.02 11.31
N SER A 266 6.01 -20.93 11.56
CA SER A 266 5.24 -21.00 12.82
C SER A 266 6.17 -21.05 14.07
N ASP A 267 7.13 -21.98 14.07
CA ASP A 267 8.07 -22.10 15.20
C ASP A 267 8.86 -20.80 15.42
N THR A 268 9.20 -20.12 14.33
CA THR A 268 10.00 -18.90 14.40
C THR A 268 9.17 -17.76 14.98
N VAL A 269 7.93 -17.65 14.52
CA VAL A 269 7.00 -16.68 15.10
C VAL A 269 6.88 -16.92 16.63
N GLN A 270 6.77 -18.19 17.00
CA GLN A 270 6.65 -18.56 18.41
C GLN A 270 7.91 -18.28 19.24
N ASP A 271 9.09 -18.53 18.65
CA ASP A 271 10.37 -18.11 19.26
C ASP A 271 10.43 -16.62 19.55
N PHE A 272 9.78 -15.81 18.71
CA PHE A 272 9.78 -14.36 18.90
C PHE A 272 8.55 -13.85 19.65
N GLY A 273 7.79 -14.78 20.24
CA GLY A 273 6.74 -14.43 21.19
C GLY A 273 5.33 -14.45 20.66
N GLY A 274 5.18 -14.78 19.38
CA GLY A 274 3.86 -14.81 18.75
C GLY A 274 3.14 -16.14 18.87
N SER A 275 1.88 -16.16 18.48
CA SER A 275 1.04 -17.35 18.68
C SER A 275 0.74 -18.20 17.44
N MET A 276 1.25 -17.78 16.27
CA MET A 276 0.91 -18.41 15.00
C MET A 276 1.27 -19.89 14.97
N THR A 277 0.32 -20.70 14.49
CA THR A 277 0.53 -22.14 14.37
C THR A 277 0.51 -22.57 12.90
N GLU A 278 0.86 -23.84 12.66
CA GLU A 278 0.68 -24.41 11.33
C GLU A 278 -0.78 -24.40 10.89
N LYS A 279 -1.72 -24.57 11.84
CA LYS A 279 -3.15 -24.53 11.51
C LYS A 279 -3.54 -23.16 10.96
N ASP A 280 -3.01 -22.10 11.58
CA ASP A 280 -3.25 -20.73 11.07
C ASP A 280 -2.87 -20.60 9.59
N LEU A 281 -1.72 -21.15 9.22
CA LEU A 281 -1.27 -21.12 7.83
C LEU A 281 -2.17 -21.96 6.92
N GLU A 282 -2.57 -23.14 7.40
CA GLU A 282 -3.48 -24.01 6.66
C GLU A 282 -4.85 -23.36 6.44
N ASN A 283 -5.32 -22.60 7.41
CA ASN A 283 -6.64 -21.94 7.36
C ASN A 283 -6.69 -20.77 6.38
N TYR A 284 -5.53 -20.20 6.08
CA TYR A 284 -5.52 -18.90 5.36
C TYR A 284 -6.10 -19.01 3.96
N ASP A 285 -6.95 -18.05 3.60
CA ASP A 285 -7.32 -17.87 2.21
C ASP A 285 -7.49 -16.37 2.01
N ILE A 286 -7.37 -15.96 0.76
CA ILE A 286 -7.61 -14.56 0.42
C ILE A 286 -9.09 -14.30 0.38
N THR A 287 -9.45 -13.06 0.13
CA THR A 287 -10.82 -12.72 0.04
C THR A 287 -10.93 -11.97 -1.29
N ILE A 288 -12.07 -12.11 -1.99
CA ILE A 288 -12.31 -11.34 -3.19
C ILE A 288 -13.18 -10.15 -2.81
N ASP A 289 -12.68 -8.92 -3.01
CA ASP A 289 -13.41 -7.75 -2.50
C ASP A 289 -14.01 -6.95 -3.66
N GLU A 290 -15.22 -6.45 -3.44
CA GLU A 290 -15.86 -5.62 -4.44
C GLU A 290 -15.38 -4.18 -4.24
N PRO A 291 -14.88 -3.54 -5.31
CA PRO A 291 -14.44 -2.15 -5.11
C PRO A 291 -15.56 -1.27 -4.63
N ILE A 292 -15.23 -0.19 -3.93
CA ILE A 292 -16.20 0.87 -3.70
C ILE A 292 -16.04 1.94 -4.79
N TRP A 293 -17.16 2.42 -5.30
CA TRP A 293 -17.13 3.32 -6.46
C TRP A 293 -17.65 4.69 -6.06
N GLY A 294 -17.05 5.72 -6.64
CA GLY A 294 -17.51 7.10 -6.49
C GLY A 294 -17.34 7.86 -7.80
N ASP A 295 -17.95 9.05 -7.86
CA ASP A 295 -17.85 9.93 -9.02
C ASP A 295 -17.10 11.19 -8.62
N TYR A 296 -16.14 11.57 -9.47
CA TYR A 296 -15.42 12.81 -9.28
C TYR A 296 -15.12 13.44 -10.62
N GLN A 297 -15.64 14.65 -10.81
CA GLN A 297 -15.24 15.49 -11.94
C GLN A 297 -15.35 14.78 -13.30
N GLY A 298 -16.41 13.98 -13.47
CA GLY A 298 -16.65 13.27 -14.73
C GLY A 298 -16.07 11.87 -14.84
N TYR A 299 -15.31 11.48 -13.82
CA TYR A 299 -14.70 10.15 -13.73
C TYR A 299 -15.43 9.26 -12.75
N GLN A 300 -15.52 7.98 -13.07
CA GLN A 300 -15.91 7.00 -12.08
C GLN A 300 -14.63 6.45 -11.48
N ILE A 301 -14.63 6.30 -10.16
CA ILE A 301 -13.42 5.87 -9.44
C ILE A 301 -13.72 4.56 -8.75
N ALA A 302 -12.94 3.53 -9.05
CA ALA A 302 -13.05 2.26 -8.36
C ALA A 302 -11.88 2.20 -7.37
N THR A 303 -12.19 2.02 -6.09
CA THR A 303 -11.13 2.07 -5.12
C THR A 303 -11.33 0.98 -4.07
N THR A 304 -10.44 0.95 -3.09
CA THR A 304 -10.36 -0.19 -2.19
C THR A 304 -11.22 -0.06 -0.92
N PRO A 305 -12.12 -1.04 -0.66
CA PRO A 305 -13.02 -1.01 0.50
C PRO A 305 -12.34 -1.54 1.75
N PRO A 306 -13.00 -1.39 2.92
CA PRO A 306 -12.57 -2.14 4.11
C PRO A 306 -12.29 -3.60 3.72
N PRO A 307 -11.22 -4.23 4.27
CA PRO A 307 -10.36 -3.81 5.41
C PRO A 307 -9.32 -2.74 5.15
N SER A 308 -9.36 -2.09 3.99
CA SER A 308 -8.60 -0.85 3.86
C SER A 308 -9.50 0.37 4.15
N SER A 309 -8.91 1.40 4.76
CA SER A 309 -9.56 2.69 4.98
C SER A 309 -9.39 3.56 3.73
N GLY A 310 -8.53 3.09 2.82
CA GLY A 310 -8.05 3.95 1.73
C GLY A 310 -9.12 4.46 0.78
N GLY A 311 -9.98 3.57 0.31
CA GLY A 311 -11.00 3.98 -0.66
C GLY A 311 -12.02 4.93 -0.07
N ILE A 312 -12.56 4.58 1.09
CA ILE A 312 -13.62 5.44 1.69
C ILE A 312 -13.10 6.84 1.93
N PHE A 313 -11.88 6.96 2.47
CA PHE A 313 -11.40 8.30 2.80
C PHE A 313 -10.76 9.05 1.64
N LEU A 314 -10.34 8.33 0.61
CA LEU A 314 -10.00 8.99 -0.68
C LEU A 314 -11.28 9.65 -1.22
N LEU A 315 -12.35 8.87 -1.32
CA LEU A 315 -13.62 9.41 -1.83
C LEU A 315 -14.16 10.53 -0.93
N GLN A 316 -14.08 10.35 0.39
CA GLN A 316 -14.58 11.40 1.30
C GLN A 316 -13.79 12.70 1.19
N MET A 317 -12.46 12.63 1.09
CA MET A 317 -11.67 13.86 0.96
C MET A 317 -11.90 14.52 -0.39
N LEU A 318 -12.05 13.72 -1.47
CA LEU A 318 -12.39 14.27 -2.80
C LEU A 318 -13.73 15.01 -2.74
N LYS A 319 -14.74 14.37 -2.16
CA LYS A 319 -16.09 14.92 -2.02
C LYS A 319 -16.11 16.23 -1.19
N ILE A 320 -15.34 16.24 -0.10
CA ILE A 320 -15.25 17.44 0.73
C ILE A 320 -14.58 18.58 -0.05
N LEU A 321 -13.45 18.28 -0.69
CA LEU A 321 -12.64 19.29 -1.40
C LEU A 321 -13.30 19.78 -2.68
N ASP A 322 -14.16 18.97 -3.27
CA ASP A 322 -14.80 19.31 -4.53
C ASP A 322 -15.70 20.54 -4.35
N HIS A 323 -16.18 20.76 -3.14
CA HIS A 323 -16.99 21.94 -2.80
C HIS A 323 -16.22 23.26 -2.93
N PHE A 324 -14.89 23.19 -2.82
CA PHE A 324 -14.06 24.38 -2.71
C PHE A 324 -13.54 24.92 -4.04
N ASN A 325 -13.69 24.16 -5.11
CA ASN A 325 -13.18 24.55 -6.42
C ASN A 325 -11.73 25.00 -6.31
N LEU A 326 -10.86 24.06 -5.94
CA LEU A 326 -9.45 24.35 -5.59
C LEU A 326 -8.62 25.04 -6.66
N SER A 327 -8.95 24.79 -7.93
CA SER A 327 -8.18 25.34 -9.04
C SER A 327 -8.26 26.89 -9.07
N GLN A 328 -9.26 27.46 -8.39
CA GLN A 328 -9.40 28.92 -8.29
C GLN A 328 -8.21 29.53 -7.51
N TYR A 329 -7.54 28.68 -6.72
CA TYR A 329 -6.34 29.07 -5.98
C TYR A 329 -5.14 28.53 -6.70
N ASP A 330 -4.06 29.32 -6.75
CA ASP A 330 -2.82 28.89 -7.38
C ASP A 330 -2.35 27.61 -6.69
N VAL A 331 -1.74 26.72 -7.47
CA VAL A 331 -1.29 25.41 -6.99
C VAL A 331 -0.29 25.45 -5.80
N ARG A 332 0.35 26.60 -5.56
CA ARG A 332 1.25 26.71 -4.42
C ARG A 332 0.80 27.76 -3.38
N SER A 333 -0.47 28.14 -3.45
CA SER A 333 -1.02 29.15 -2.55
C SER A 333 -1.26 28.54 -1.17
N TRP A 334 -1.09 29.35 -0.13
CA TRP A 334 -1.44 28.90 1.22
C TRP A 334 -2.90 28.44 1.35
N GLU A 335 -3.81 29.06 0.59
CA GLU A 335 -5.24 28.69 0.64
C GLU A 335 -5.45 27.22 0.29
N LYS A 336 -4.76 26.77 -0.75
CA LYS A 336 -4.88 25.38 -1.20
C LYS A 336 -4.40 24.42 -0.10
N TYR A 337 -3.19 24.65 0.42
CA TYR A 337 -2.65 23.79 1.48
C TYR A 337 -3.50 23.81 2.74
N GLN A 338 -4.05 24.99 3.09
CA GLN A 338 -4.98 25.10 4.21
C GLN A 338 -6.16 24.17 4.06
N LEU A 339 -6.81 24.22 2.90
CA LEU A 339 -8.01 23.44 2.65
C LEU A 339 -7.67 21.94 2.66
N LEU A 340 -6.53 21.60 2.10
CA LEU A 340 -6.03 20.20 2.17
C LEU A 340 -5.89 19.72 3.60
N ALA A 341 -5.13 20.48 4.40
CA ALA A 341 -4.83 20.12 5.78
C ALA A 341 -6.09 20.00 6.63
N GLU A 342 -7.01 20.97 6.49
CA GLU A 342 -8.25 20.94 7.27
C GLU A 342 -9.14 19.73 6.92
N THR A 343 -9.20 19.43 5.63
CA THR A 343 -9.95 18.25 5.15
C THR A 343 -9.33 16.94 5.70
N MET A 344 -8.01 16.83 5.59
CA MET A 344 -7.30 15.65 6.14
C MET A 344 -7.60 15.44 7.62
N HIS A 345 -7.51 16.50 8.42
CA HIS A 345 -7.88 16.35 9.84
C HIS A 345 -9.26 15.76 10.10
N LEU A 346 -10.26 16.17 9.31
CA LEU A 346 -11.62 15.68 9.50
C LEU A 346 -11.74 14.22 9.07
N SER A 347 -11.21 13.92 7.89
CA SER A 347 -11.29 12.56 7.36
C SER A 347 -10.47 11.54 8.17
N TYR A 348 -9.24 11.91 8.54
CA TYR A 348 -8.43 10.99 9.37
C TYR A 348 -9.08 10.76 10.75
N ALA A 349 -9.78 11.77 11.29
CA ALA A 349 -10.54 11.56 12.53
C ALA A 349 -11.66 10.53 12.34
N ASP A 350 -12.40 10.62 11.24
CA ASP A 350 -13.43 9.64 10.92
C ASP A 350 -12.85 8.24 10.78
N ARG A 351 -11.70 8.15 10.11
CA ARG A 351 -10.97 6.87 9.91
C ARG A 351 -10.65 6.18 11.23
N ALA A 352 -10.04 6.94 12.13
CA ALA A 352 -9.69 6.44 13.45
C ALA A 352 -10.91 5.97 14.23
N SER A 353 -12.06 6.62 14.00
CA SER A 353 -13.27 6.27 14.73
C SER A 353 -14.05 5.09 14.16
N TYR A 354 -14.03 4.93 12.85
CA TYR A 354 -15.07 4.11 12.21
C TYR A 354 -14.62 3.00 11.25
N ALA A 355 -13.32 2.85 11.04
CA ALA A 355 -12.85 1.89 10.03
C ALA A 355 -12.22 0.65 10.63
N GLY A 356 -12.59 -0.51 10.08
CA GLY A 356 -11.96 -1.78 10.43
C GLY A 356 -12.40 -2.87 9.47
N ASP A 357 -12.03 -4.10 9.78
CA ASP A 357 -12.32 -5.25 8.92
C ASP A 357 -13.85 -5.45 8.89
N PRO A 358 -14.48 -5.38 7.69
CA PRO A 358 -15.95 -5.46 7.63
C PRO A 358 -16.52 -6.86 7.87
N GLU A 359 -15.67 -7.88 8.00
CA GLU A 359 -16.14 -9.19 8.51
C GLU A 359 -16.50 -9.13 10.00
N PHE A 360 -16.02 -8.07 10.65
CA PHE A 360 -16.07 -7.96 12.13
C PHE A 360 -16.84 -6.73 12.60
N VAL A 361 -16.70 -5.60 11.92
CA VAL A 361 -17.22 -4.34 12.46
C VAL A 361 -18.00 -3.57 11.43
N ASN A 362 -18.90 -2.70 11.94
CA ASN A 362 -19.79 -1.88 11.12
C ASN A 362 -19.15 -0.58 10.71
N VAL A 363 -18.72 -0.50 9.45
CA VAL A 363 -18.16 0.72 8.91
C VAL A 363 -19.29 1.47 8.23
N PRO A 364 -19.64 2.68 8.74
CA PRO A 364 -20.83 3.40 8.25
C PRO A 364 -20.53 4.10 6.94
N LEU A 365 -20.24 3.28 5.93
CA LEU A 365 -19.94 3.73 4.58
C LEU A 365 -20.97 4.69 3.95
N LYS A 366 -22.25 4.31 3.99
CA LYS A 366 -23.35 5.14 3.48
C LYS A 366 -23.27 6.49 4.15
N GLY A 367 -23.19 6.47 5.47
CA GLY A 367 -23.15 7.70 6.25
C GLY A 367 -21.95 8.57 5.95
N LEU A 368 -20.78 7.94 5.90
CA LEU A 368 -19.52 8.66 5.75
C LEU A 368 -19.39 9.37 4.41
N LEU A 369 -20.14 8.90 3.42
CA LEU A 369 -20.06 9.48 2.09
C LEU A 369 -21.37 10.16 1.65
N HIS A 370 -22.35 10.24 2.56
CA HIS A 370 -23.65 10.85 2.26
C HIS A 370 -23.43 12.32 1.92
N PRO A 371 -23.98 12.78 0.77
CA PRO A 371 -23.78 14.17 0.36
C PRO A 371 -24.12 15.18 1.48
N ASP A 372 -25.10 14.87 2.33
CA ASP A 372 -25.45 15.77 3.43
C ASP A 372 -24.42 15.73 4.59
N TYR A 373 -23.78 14.57 4.76
CA TYR A 373 -22.69 14.45 5.72
C TYR A 373 -21.48 15.22 5.22
N ILE A 374 -21.16 15.05 3.95
CA ILE A 374 -20.06 15.78 3.33
C ILE A 374 -20.26 17.28 3.54
N LYS A 375 -21.49 17.74 3.34
CA LYS A 375 -21.82 19.16 3.52
C LYS A 375 -21.53 19.63 4.93
N GLU A 376 -21.95 18.85 5.92
CA GLU A 376 -21.72 19.15 7.31
C GLU A 376 -20.24 19.31 7.60
N ARG A 377 -19.45 18.33 7.12
CA ARG A 377 -18.00 18.36 7.32
C ARG A 377 -17.34 19.53 6.63
N GLN A 378 -17.70 19.76 5.38
CA GLN A 378 -17.15 20.86 4.61
C GLN A 378 -17.42 22.21 5.32
N GLN A 379 -18.61 22.34 5.89
CA GLN A 379 -19.01 23.53 6.66
C GLN A 379 -18.11 23.85 7.85
N LEU A 380 -17.36 22.85 8.32
CA LEU A 380 -16.44 23.01 9.45
C LEU A 380 -15.12 23.66 9.04
N ILE A 381 -14.91 23.85 7.74
CA ILE A 381 -13.63 24.32 7.25
C ILE A 381 -13.65 25.81 6.88
N ASN A 382 -12.68 26.54 7.42
CA ASN A 382 -12.49 27.97 7.09
C ASN A 382 -11.10 28.21 6.54
N LEU A 383 -10.99 29.15 5.61
CA LEU A 383 -9.67 29.55 5.11
C LEU A 383 -8.79 30.21 6.16
N ASP A 384 -9.41 31.04 7.01
CA ASP A 384 -8.68 31.97 7.86
C ASP A 384 -8.58 31.50 9.33
N GLN A 385 -9.14 30.33 9.62
CA GLN A 385 -9.03 29.78 10.98
C GLN A 385 -8.81 28.28 10.84
N VAL A 386 -8.23 27.67 11.87
CA VAL A 386 -7.93 26.24 11.90
C VAL A 386 -8.72 25.60 13.04
N ASN A 387 -9.36 24.44 12.77
CA ASN A 387 -10.02 23.65 13.81
C ASN A 387 -8.95 23.08 14.76
N LYS A 388 -8.97 23.49 16.03
CA LYS A 388 -7.94 23.03 16.93
C LYS A 388 -8.31 21.74 17.63
N LYS A 389 -9.59 21.35 17.53
CA LYS A 389 -10.05 20.09 18.09
C LYS A 389 -10.92 19.36 17.04
N PRO A 390 -10.31 19.03 15.87
CA PRO A 390 -11.08 18.27 14.87
C PRO A 390 -11.43 16.91 15.45
N LYS A 391 -12.68 16.48 15.27
CA LYS A 391 -13.17 15.20 15.81
C LYS A 391 -13.89 14.45 14.70
N ALA A 392 -14.09 13.15 14.90
CA ALA A 392 -14.98 12.39 14.00
C ALA A 392 -16.37 13.04 14.01
N GLY A 393 -17.06 12.96 12.87
CA GLY A 393 -18.46 13.37 12.80
C GLY A 393 -19.37 12.24 13.24
N ASP A 394 -20.66 12.40 12.94
CA ASP A 394 -21.64 11.37 13.27
C ASP A 394 -22.25 10.89 11.96
N PRO A 395 -21.57 9.96 11.27
CA PRO A 395 -22.16 9.45 10.03
C PRO A 395 -23.44 8.66 10.26
N TRP A 396 -23.68 8.24 11.50
CA TRP A 396 -24.87 7.44 11.83
C TRP A 396 -26.15 8.26 11.78
N LYS A 397 -26.06 9.59 11.69
CA LYS A 397 -27.30 10.33 11.48
C LYS A 397 -27.74 10.27 10.00
N TYR A 398 -26.86 9.77 9.14
CA TYR A 398 -27.12 9.71 7.70
C TYR A 398 -27.30 8.31 7.11
N GLN A 399 -27.49 7.32 7.97
CA GLN A 399 -27.73 5.95 7.56
C GLN A 399 -28.39 5.24 8.73
N GLU A 400 -28.82 3.99 8.53
CA GLU A 400 -29.36 3.19 9.62
C GLU A 400 -28.26 2.51 10.43
N GLY A 401 -28.64 1.81 11.49
CA GLY A 401 -27.71 1.01 12.28
C GLY A 401 -26.89 1.77 13.32
N SER A 402 -25.95 1.07 13.94
CA SER A 402 -25.05 1.67 14.93
C SER A 402 -23.75 0.87 14.98
N ALA A 403 -22.72 1.46 15.58
CA ALA A 403 -21.43 0.78 15.76
C ALA A 403 -21.53 -0.43 16.65
N ASN A 404 -20.84 -1.50 16.29
CA ASN A 404 -20.70 -2.63 17.22
C ASN A 404 -19.32 -2.57 17.87
N TYR A 405 -18.94 -1.34 18.24
CA TYR A 405 -17.66 -1.06 18.86
C TYR A 405 -17.75 0.31 19.54
N LYS A 406 -16.70 0.62 20.29
CA LYS A 406 -16.66 1.84 21.05
C LYS A 406 -15.67 2.86 20.45
N GLN A 407 -15.68 4.06 21.01
CA GLN A 407 -14.73 5.08 20.64
C GLN A 407 -13.64 5.09 21.69
N VAL A 408 -12.45 4.64 21.31
CA VAL A 408 -11.28 4.53 22.21
C VAL A 408 -10.11 5.26 21.56
N GLU A 409 -9.64 6.34 22.20
CA GLU A 409 -8.50 7.10 21.71
C GLU A 409 -7.22 6.28 21.82
N GLN A 410 -6.38 6.31 20.79
CA GLN A 410 -5.10 5.59 20.80
C GLN A 410 -3.97 6.50 21.29
N PRO A 411 -2.92 5.93 21.93
CA PRO A 411 -1.85 6.71 22.60
C PRO A 411 -1.16 7.71 21.67
N THR B 1 6.40 -0.71 1.89
CA THR B 1 5.26 -0.93 0.96
C THR B 1 5.78 -0.48 -0.41
N THR B 2 5.17 -1.16 -1.47
CA THR B 2 5.39 -0.73 -2.85
C THR B 2 4.10 -0.74 -3.63
N HIS B 3 4.04 0.09 -4.66
CA HIS B 3 2.88 0.13 -5.51
C HIS B 3 3.31 -0.01 -6.96
N PHE B 4 2.66 -0.91 -7.68
CA PHE B 4 2.95 -1.04 -9.11
C PHE B 4 1.71 -1.21 -9.95
N THR B 5 1.87 -1.05 -11.26
CA THR B 5 0.73 -1.10 -12.13
C THR B 5 1.10 -1.63 -13.51
N VAL B 6 0.16 -2.36 -14.13
CA VAL B 6 0.38 -2.92 -15.47
C VAL B 6 -0.93 -2.79 -16.28
N ALA B 7 -0.76 -2.52 -17.58
CA ALA B 7 -1.90 -2.55 -18.49
C ALA B 7 -1.45 -3.24 -19.78
N ASP B 8 -2.34 -4.05 -20.33
CA ASP B 8 -2.01 -4.81 -21.54
C ASP B 8 -2.83 -4.46 -22.78
N ARG B 9 -2.51 -5.15 -23.88
CA ARG B 9 -3.19 -4.86 -25.16
C ARG B 9 -4.62 -5.37 -25.22
N TRP B 10 -5.00 -6.24 -24.28
CA TRP B 10 -6.35 -6.81 -24.25
C TRP B 10 -7.27 -6.02 -23.32
N GLY B 11 -6.74 -4.95 -22.74
CA GLY B 11 -7.54 -4.02 -21.95
C GLY B 11 -7.61 -4.38 -20.47
N ASN B 12 -6.81 -5.37 -20.06
CA ASN B 12 -6.67 -5.70 -18.63
C ASN B 12 -5.82 -4.63 -17.96
N VAL B 13 -6.20 -4.27 -16.73
CA VAL B 13 -5.47 -3.25 -16.00
C VAL B 13 -5.32 -3.71 -14.56
N VAL B 14 -4.10 -3.58 -14.04
CA VAL B 14 -3.79 -3.99 -12.67
C VAL B 14 -3.22 -2.81 -11.89
N SER B 15 -3.74 -2.59 -10.69
CA SER B 15 -3.18 -1.61 -9.77
C SER B 15 -2.98 -2.33 -8.44
N TYR B 16 -1.74 -2.50 -7.99
CA TYR B 16 -1.41 -3.47 -6.92
C TYR B 16 -0.51 -2.83 -5.87
N THR B 17 -0.99 -2.69 -4.62
CA THR B 17 -0.17 -2.18 -3.54
C THR B 17 0.08 -3.38 -2.62
N THR B 18 1.32 -3.49 -2.15
CA THR B 18 1.78 -4.71 -1.48
C THR B 18 2.90 -4.38 -0.48
N THR B 19 2.95 -5.11 0.64
CA THR B 19 3.73 -4.65 1.77
C THR B 19 4.14 -5.77 2.73
N ILE B 20 5.13 -5.46 3.57
CA ILE B 20 5.41 -6.30 4.76
C ILE B 20 5.34 -5.42 6.03
N GLU B 21 4.63 -4.30 5.88
CA GLU B 21 4.37 -3.29 6.92
C GLU B 21 5.56 -2.31 7.00
N GLN B 22 6.34 -2.34 8.09
CA GLN B 22 7.56 -1.50 8.17
C GLN B 22 8.56 -1.91 7.10
N LEU B 23 9.54 -1.05 6.84
CA LEU B 23 10.67 -1.49 5.99
C LEU B 23 11.31 -2.70 6.68
N PHE B 24 11.47 -3.79 5.92
CA PHE B 24 11.91 -5.09 6.43
C PHE B 24 10.97 -5.74 7.44
N GLY B 25 9.73 -5.24 7.53
CA GLY B 25 8.78 -5.88 8.48
C GLY B 25 9.29 -5.95 9.90
N THR B 26 9.08 -7.11 10.54
CA THR B 26 9.60 -7.34 11.90
C THR B 26 11.13 -7.42 11.93
N GLY B 27 11.73 -7.62 10.76
CA GLY B 27 13.17 -7.89 10.68
C GLY B 27 13.49 -9.37 10.79
N ILE B 28 12.47 -10.17 11.19
CA ILE B 28 12.60 -11.61 11.37
C ILE B 28 12.64 -12.32 10.03
N MET B 29 13.65 -13.18 9.84
CA MET B 29 13.72 -14.00 8.62
C MET B 29 13.52 -15.46 8.99
N VAL B 30 12.72 -16.17 8.20
CA VAL B 30 12.49 -17.60 8.47
C VAL B 30 13.82 -18.30 8.21
N PRO B 31 14.42 -18.91 9.25
CA PRO B 31 15.81 -19.39 9.05
C PRO B 31 15.85 -20.51 8.04
N ASP B 32 16.87 -20.45 7.18
CA ASP B 32 17.08 -21.41 6.08
C ASP B 32 16.12 -21.28 4.91
N TYR B 33 15.25 -20.27 4.97
CA TYR B 33 14.26 -20.07 3.92
C TYR B 33 14.24 -18.65 3.37
N GLY B 34 14.93 -17.74 4.05
CA GLY B 34 15.16 -16.41 3.48
C GLY B 34 13.95 -15.48 3.42
N VAL B 35 12.82 -15.88 4.02
CA VAL B 35 11.57 -15.09 3.95
C VAL B 35 11.47 -14.10 5.11
N ILE B 36 11.39 -12.82 4.78
CA ILE B 36 11.26 -11.75 5.78
C ILE B 36 9.79 -11.62 6.18
N LEU B 37 9.55 -11.65 7.49
CA LEU B 37 8.19 -11.63 8.01
C LEU B 37 7.59 -10.26 8.29
N ASN B 38 6.37 -10.04 7.78
CA ASN B 38 5.63 -8.81 8.03
C ASN B 38 5.44 -8.48 9.51
N ASN B 39 5.29 -7.20 9.83
CA ASN B 39 4.79 -6.81 11.17
C ASN B 39 3.36 -6.28 11.12
N GLU B 40 2.56 -6.80 10.19
CA GLU B 40 1.32 -6.14 9.78
C GLU B 40 0.33 -5.94 10.91
N LEU B 41 0.36 -6.81 11.94
CA LEU B 41 -0.64 -6.72 12.99
C LEU B 41 -0.48 -5.47 13.88
N THR B 42 0.64 -4.77 13.77
CA THR B 42 0.77 -3.49 14.50
C THR B 42 -0.04 -2.37 13.84
N ASP B 43 -0.68 -2.69 12.70
CA ASP B 43 -1.66 -1.77 12.12
C ASP B 43 -2.96 -1.82 12.92
N PHE B 44 -3.16 -2.85 13.77
CA PHE B 44 -4.28 -2.82 14.70
C PHE B 44 -4.06 -1.75 15.77
N ASP B 45 -5.17 -1.28 16.35
CA ASP B 45 -5.14 -0.48 17.56
C ASP B 45 -4.50 -1.28 18.66
N ALA B 46 -3.58 -0.65 19.39
CA ALA B 46 -2.97 -1.24 20.58
C ALA B 46 -4.00 -1.35 21.72
N ILE B 47 -4.87 -0.36 21.82
CA ILE B 47 -5.86 -0.36 22.90
C ILE B 47 -7.18 -0.83 22.28
N PRO B 48 -7.71 -1.96 22.75
CA PRO B 48 -8.90 -2.56 22.15
C PRO B 48 -10.22 -1.80 22.41
N GLY B 49 -11.29 -2.25 21.77
CA GLY B 49 -12.64 -1.78 22.02
C GLY B 49 -13.26 -1.08 20.83
N GLY B 50 -12.39 -0.60 19.94
CA GLY B 50 -12.81 0.19 18.79
C GLY B 50 -12.87 -0.62 17.50
N ALA B 51 -13.20 0.05 16.40
CA ALA B 51 -13.38 -0.60 15.08
C ALA B 51 -12.15 -1.43 14.66
N ASN B 52 -10.97 -0.90 14.98
CA ASN B 52 -9.73 -1.53 14.52
C ASN B 52 -8.98 -2.23 15.66
N GLU B 53 -9.73 -2.74 16.63
CA GLU B 53 -9.12 -3.57 17.67
C GLU B 53 -8.62 -4.90 17.09
N VAL B 54 -7.63 -5.50 17.74
CA VAL B 54 -7.22 -6.89 17.45
C VAL B 54 -8.36 -7.85 17.79
N GLN B 55 -8.63 -8.80 16.89
CA GLN B 55 -9.33 -10.03 17.24
C GLN B 55 -8.61 -11.17 16.49
N PRO B 56 -8.68 -12.40 17.02
CA PRO B 56 -8.16 -13.51 16.23
C PRO B 56 -8.91 -13.66 14.91
N ASN B 57 -8.14 -13.94 13.87
CA ASN B 57 -8.60 -14.14 12.50
C ASN B 57 -9.09 -12.86 11.86
N LYS B 58 -8.90 -11.73 12.53
CA LYS B 58 -9.29 -10.43 11.96
C LYS B 58 -8.12 -9.85 11.16
N ARG B 59 -8.40 -9.01 10.17
CA ARG B 59 -7.32 -8.31 9.44
C ARG B 59 -7.17 -6.88 9.94
N PRO B 60 -5.92 -6.43 10.14
CA PRO B 60 -5.68 -5.06 10.60
C PRO B 60 -6.04 -4.04 9.52
N LEU B 61 -6.66 -2.93 9.94
CA LEU B 61 -7.00 -1.87 9.00
C LEU B 61 -5.78 -1.39 8.21
N SER B 62 -5.94 -1.28 6.89
CA SER B 62 -4.89 -0.77 6.00
C SER B 62 -5.22 0.65 5.55
N SER B 63 -4.23 1.34 4.98
CA SER B 63 -4.52 2.57 4.24
C SER B 63 -4.16 2.40 2.76
N MET B 64 -3.82 1.19 2.34
CA MET B 64 -3.46 1.00 0.93
C MET B 64 -4.65 1.28 0.01
N THR B 65 -4.38 2.03 -1.07
CA THR B 65 -5.45 2.63 -1.90
C THR B 65 -5.20 2.41 -3.41
N PRO B 66 -5.02 1.15 -3.82
CA PRO B 66 -4.91 0.95 -5.26
C PRO B 66 -6.23 1.34 -5.91
N THR B 67 -6.15 2.10 -7.00
CA THR B 67 -7.34 2.76 -7.54
C THR B 67 -7.28 2.75 -9.08
N ILE B 68 -8.44 2.60 -9.71
CA ILE B 68 -8.53 2.79 -11.15
C ILE B 68 -9.67 3.78 -11.41
N LEU B 69 -9.40 4.79 -12.24
CA LEU B 69 -10.42 5.74 -12.67
C LEU B 69 -10.86 5.39 -14.09
N PHE B 70 -12.15 5.60 -14.34
CA PHE B 70 -12.77 5.26 -15.60
C PHE B 70 -13.43 6.51 -16.21
N LYS B 71 -13.43 6.57 -17.53
CA LYS B 71 -14.18 7.59 -18.26
C LYS B 71 -14.84 6.91 -19.45
N ASP B 72 -16.13 7.18 -19.64
CA ASP B 72 -16.91 6.54 -20.71
C ASP B 72 -16.81 5.01 -20.61
N ASP B 73 -16.87 4.54 -19.37
CA ASP B 73 -16.84 3.12 -19.03
C ASP B 73 -15.57 2.41 -19.45
N LYS B 74 -14.47 3.13 -19.57
CA LYS B 74 -13.19 2.49 -19.88
C LYS B 74 -12.17 2.95 -18.85
N PRO B 75 -11.27 2.03 -18.43
CA PRO B 75 -10.21 2.47 -17.49
C PRO B 75 -9.29 3.49 -18.15
N VAL B 76 -9.05 4.62 -17.48
CA VAL B 76 -8.17 5.64 -18.06
C VAL B 76 -6.97 6.03 -17.20
N LEU B 77 -7.00 5.68 -15.91
CA LEU B 77 -5.92 6.09 -15.02
C LEU B 77 -5.85 5.15 -13.83
N THR B 78 -4.63 4.80 -13.49
CA THR B 78 -4.36 3.92 -12.38
C THR B 78 -3.55 4.74 -11.35
N VAL B 79 -3.85 4.59 -10.06
CA VAL B 79 -3.09 5.32 -9.06
C VAL B 79 -2.91 4.47 -7.82
N GLY B 80 -1.76 4.62 -7.17
CA GLY B 80 -1.53 4.03 -5.83
C GLY B 80 -0.19 4.44 -5.31
N SER B 81 0.11 4.12 -4.05
CA SER B 81 1.35 4.56 -3.43
C SER B 81 1.58 3.75 -2.16
N PRO B 82 2.85 3.58 -1.76
CA PRO B 82 3.19 3.15 -0.39
C PRO B 82 3.12 4.35 0.56
N GLY B 83 3.28 4.11 1.86
CA GLY B 83 3.43 5.20 2.81
C GLY B 83 2.53 5.19 4.02
N GLY B 84 1.98 4.02 4.39
CA GLY B 84 1.10 3.93 5.58
C GLY B 84 -0.09 4.89 5.50
N ALA B 85 -0.39 5.57 6.59
CA ALA B 85 -1.59 6.44 6.60
C ALA B 85 -1.49 7.53 5.55
N THR B 86 -0.27 7.88 5.14
CA THR B 86 -0.06 8.97 4.16
C THR B 86 -0.53 8.59 2.75
N ILE B 87 -0.71 7.28 2.49
CA ILE B 87 -1.16 6.82 1.17
C ILE B 87 -2.41 7.51 0.67
N ILE B 88 -3.42 7.62 1.54
CA ILE B 88 -4.68 8.20 1.12
C ILE B 88 -4.42 9.60 0.60
N SER B 89 -3.54 10.33 1.30
CA SER B 89 -3.21 11.70 0.93
C SER B 89 -2.39 11.79 -0.36
N SER B 90 -1.48 10.84 -0.57
CA SER B 90 -0.69 10.84 -1.82
C SER B 90 -1.56 10.57 -3.05
N VAL B 91 -2.48 9.61 -2.93
CA VAL B 91 -3.41 9.29 -4.03
C VAL B 91 -4.39 10.44 -4.28
N LEU B 92 -4.93 11.02 -3.20
CA LEU B 92 -5.78 12.20 -3.26
C LEU B 92 -5.08 13.28 -4.06
N GLN B 93 -3.85 13.60 -3.65
CA GLN B 93 -3.14 14.75 -4.23
C GLN B 93 -2.81 14.54 -5.71
N THR B 94 -2.36 13.33 -6.04
CA THR B 94 -2.14 13.00 -7.45
C THR B 94 -3.41 13.19 -8.28
N ILE B 95 -4.55 12.74 -7.77
CA ILE B 95 -5.80 12.89 -8.50
C ILE B 95 -6.19 14.38 -8.60
N LEU B 96 -6.06 15.11 -7.49
CA LEU B 96 -6.38 16.55 -7.48
C LEU B 96 -5.51 17.29 -8.52
N TYR B 97 -4.22 16.98 -8.55
CA TYR B 97 -3.31 17.74 -9.45
C TYR B 97 -3.53 17.40 -10.92
N HIS B 98 -3.81 16.13 -11.18
CA HIS B 98 -4.03 15.67 -12.56
C HIS B 98 -5.39 16.11 -13.10
N ILE B 99 -6.41 16.08 -12.26
CA ILE B 99 -7.79 16.30 -12.72
C ILE B 99 -8.31 17.70 -12.35
N GLU B 100 -8.25 18.07 -11.08
CA GLU B 100 -8.73 19.38 -10.66
C GLU B 100 -7.85 20.51 -11.22
N TYR B 101 -6.54 20.29 -11.21
CA TYR B 101 -5.60 21.29 -11.73
C TYR B 101 -5.21 21.06 -13.18
N GLY B 102 -5.64 19.93 -13.74
CA GLY B 102 -5.40 19.58 -15.14
C GLY B 102 -3.93 19.42 -15.51
N MET B 103 -3.10 19.08 -14.53
CA MET B 103 -1.66 18.97 -14.76
C MET B 103 -1.31 17.66 -15.45
N GLU B 104 -0.28 17.69 -16.29
CA GLU B 104 0.22 16.48 -16.97
C GLU B 104 0.64 15.47 -15.91
N LEU B 105 0.55 14.19 -16.23
CA LEU B 105 0.62 13.15 -15.18
C LEU B 105 1.93 13.15 -14.41
N LYS B 106 3.07 13.24 -15.10
CA LYS B 106 4.34 13.26 -14.38
C LYS B 106 4.40 14.47 -13.44
N ALA B 107 3.94 15.62 -13.93
CA ALA B 107 3.90 16.82 -13.13
C ALA B 107 3.00 16.66 -11.90
N ALA B 108 1.84 16.02 -12.11
CA ALA B 108 0.86 15.82 -11.04
C ALA B 108 1.51 14.95 -9.94
N VAL B 109 2.24 13.93 -10.38
CA VAL B 109 2.94 13.00 -9.47
C VAL B 109 4.06 13.69 -8.70
N GLU B 110 4.78 14.60 -9.36
CA GLU B 110 5.93 15.27 -8.75
C GLU B 110 5.59 16.50 -7.90
N GLU B 111 4.37 17.02 -8.00
CA GLU B 111 3.95 18.20 -7.24
C GLU B 111 4.10 17.93 -5.73
N PRO B 112 4.80 18.83 -5.01
CA PRO B 112 5.05 18.62 -3.59
C PRO B 112 3.78 18.35 -2.81
N ARG B 113 3.80 17.27 -2.05
CA ARG B 113 2.67 16.84 -1.25
C ARG B 113 2.78 17.31 0.18
N ILE B 114 1.64 17.35 0.87
CA ILE B 114 1.61 17.45 2.32
C ILE B 114 0.80 16.30 2.90
N TYR B 115 0.91 16.14 4.21
CA TYR B 115 0.13 15.16 4.92
C TYR B 115 0.00 15.61 6.35
N THR B 116 -1.20 15.49 6.90
CA THR B 116 -1.40 15.67 8.34
C THR B 116 -2.68 14.98 8.80
N ASN B 117 -2.56 14.10 9.79
CA ASN B 117 -3.72 13.37 10.24
C ASN B 117 -4.24 13.88 11.58
N SER B 118 -3.50 14.80 12.17
CA SER B 118 -3.85 15.35 13.49
C SER B 118 -3.14 16.68 13.73
N MET B 119 -3.52 17.32 14.84
CA MET B 119 -2.89 18.59 15.19
C MET B 119 -1.44 18.47 15.61
N SER B 120 -0.94 17.24 15.80
CA SER B 120 0.45 17.05 16.25
C SER B 120 1.29 16.17 15.29
N SER B 121 0.82 16.04 14.05
CA SER B 121 1.47 15.18 13.06
C SER B 121 1.36 15.83 11.69
N TYR B 122 2.47 16.39 11.22
CA TYR B 122 2.53 17.11 9.93
C TYR B 122 3.76 16.71 9.14
N ARG B 123 3.59 16.54 7.84
CA ARG B 123 4.71 16.34 6.92
C ARG B 123 4.52 17.20 5.69
N TYR B 124 5.63 17.62 5.09
CA TYR B 124 5.60 18.29 3.81
C TYR B 124 6.85 17.97 3.02
N GLU B 125 6.71 18.00 1.68
CA GLU B 125 7.83 17.75 0.81
C GLU B 125 8.52 19.04 0.41
N ASP B 126 9.78 18.91 0.01
CA ASP B 126 10.54 20.05 -0.48
C ASP B 126 9.82 20.72 -1.64
N GLY B 127 9.67 22.04 -1.58
CA GLY B 127 8.94 22.71 -2.64
C GLY B 127 7.66 23.39 -2.17
N VAL B 128 7.12 22.95 -1.02
CA VAL B 128 6.06 23.70 -0.35
C VAL B 128 6.74 24.98 0.13
N PRO B 129 6.26 26.15 -0.34
CA PRO B 129 7.01 27.38 -0.04
C PRO B 129 7.10 27.75 1.43
N LYS B 130 8.21 28.39 1.77
CA LYS B 130 8.54 28.70 3.16
C LYS B 130 7.55 29.67 3.79
N ASP B 131 7.12 30.65 3.00
CA ASP B 131 6.19 31.67 3.46
C ASP B 131 4.80 31.06 3.66
N VAL B 132 4.45 30.12 2.79
CA VAL B 132 3.25 29.29 2.97
C VAL B 132 3.29 28.55 4.31
N LEU B 133 4.41 27.89 4.60
CA LEU B 133 4.58 27.20 5.88
C LEU B 133 4.49 28.16 7.06
N SER B 134 5.03 29.38 6.89
CA SER B 134 4.93 30.41 7.94
C SER B 134 3.48 30.81 8.16
N LYS B 135 2.74 31.00 7.05
CA LYS B 135 1.34 31.40 7.12
C LYS B 135 0.50 30.33 7.85
N LEU B 136 0.68 29.08 7.44
CA LEU B 136 -0.10 27.97 8.00
C LEU B 136 0.23 27.72 9.45
N ASN B 137 1.50 27.69 9.78
CA ASN B 137 1.89 27.55 11.18
C ASN B 137 1.39 28.73 12.00
N GLY B 138 1.31 29.90 11.35
CA GLY B 138 0.78 31.13 11.98
C GLY B 138 -0.66 30.99 12.44
N MET B 139 -1.44 30.14 11.77
CA MET B 139 -2.84 29.86 12.12
C MET B 139 -2.97 28.69 13.09
N GLY B 140 -1.85 28.05 13.41
CA GLY B 140 -1.86 26.99 14.41
C GLY B 140 -1.48 25.62 13.88
N HIS B 141 -1.16 25.52 12.59
CA HIS B 141 -0.58 24.27 12.06
C HIS B 141 0.81 24.07 12.65
N LYS B 142 1.33 22.85 12.52
CA LYS B 142 2.58 22.48 13.18
C LYS B 142 3.54 21.80 12.20
N PHE B 143 3.71 22.41 11.03
CA PHE B 143 4.71 21.89 10.09
C PHE B 143 6.10 22.07 10.68
N GLY B 144 6.96 21.07 10.47
CA GLY B 144 8.29 21.04 11.07
C GLY B 144 9.35 21.81 10.31
N THR B 145 10.59 21.68 10.76
CA THR B 145 11.66 22.51 10.22
C THR B 145 12.29 21.95 8.94
N SER B 146 11.98 20.71 8.58
CA SER B 146 12.52 20.17 7.33
C SER B 146 11.49 19.33 6.56
N PRO B 147 11.65 19.25 5.23
CA PRO B 147 10.78 18.39 4.43
C PRO B 147 11.16 16.91 4.50
N VAL B 148 10.23 16.06 4.07
CA VAL B 148 10.41 14.62 3.93
C VAL B 148 9.67 14.23 2.67
N ASP B 149 10.16 13.24 1.94
CA ASP B 149 9.37 12.72 0.81
C ASP B 149 8.13 11.99 1.34
N ILE B 150 7.02 12.16 0.63
CA ILE B 150 5.75 11.52 0.97
C ILE B 150 5.31 10.69 -0.23
N GLY B 151 5.28 9.38 -0.03
CA GLY B 151 4.69 8.49 -1.03
C GLY B 151 5.60 8.17 -2.20
N ASN B 152 5.07 7.35 -3.09
CA ASN B 152 5.80 6.91 -4.25
C ASN B 152 4.80 6.41 -5.28
N VAL B 153 4.25 7.36 -6.02
CA VAL B 153 3.16 7.07 -6.95
C VAL B 153 3.67 6.51 -8.28
N GLN B 154 3.33 5.26 -8.56
CA GLN B 154 3.36 4.73 -9.93
C GLN B 154 1.96 4.83 -10.53
N SER B 155 1.88 5.26 -11.79
CA SER B 155 0.58 5.49 -12.43
C SER B 155 0.65 5.19 -13.92
N ILE B 156 -0.43 4.63 -14.45
CA ILE B 156 -0.59 4.44 -15.90
C ILE B 156 -1.82 5.23 -16.34
N SER B 157 -1.70 6.00 -17.42
CA SER B 157 -2.88 6.54 -18.10
C SER B 157 -3.08 5.85 -19.46
N ILE B 158 -4.33 5.75 -19.89
CA ILE B 158 -4.71 5.00 -21.10
C ILE B 158 -5.54 5.90 -22.00
N ASP B 159 -5.07 6.08 -23.23
CA ASP B 159 -5.80 6.85 -24.25
C ASP B 159 -6.45 5.87 -25.22
N HIS B 160 -7.75 5.70 -25.08
CA HIS B 160 -8.50 4.75 -25.87
C HIS B 160 -8.80 5.26 -27.28
N GLU B 161 -8.71 6.58 -27.49
CA GLU B 161 -8.91 7.13 -28.84
C GLU B 161 -7.68 6.81 -29.67
N ASN B 162 -6.52 7.21 -29.17
CA ASN B 162 -5.25 7.03 -29.88
C ASN B 162 -4.59 5.67 -29.72
N GLY B 163 -5.11 4.84 -28.81
CA GLY B 163 -4.57 3.49 -28.59
C GLY B 163 -3.17 3.48 -27.99
N THR B 164 -2.95 4.33 -26.99
CA THR B 164 -1.65 4.45 -26.37
C THR B 164 -1.72 4.39 -24.84
N PHE B 165 -0.60 4.02 -24.22
CA PHE B 165 -0.44 3.98 -22.77
C PHE B 165 0.71 4.91 -22.35
N LYS B 166 0.57 5.53 -21.18
CA LYS B 166 1.62 6.33 -20.59
C LYS B 166 1.86 5.84 -19.16
N GLY B 167 3.11 5.50 -18.87
CA GLY B 167 3.55 5.07 -17.54
C GLY B 167 4.39 6.12 -16.84
N VAL B 168 4.16 6.29 -15.53
CA VAL B 168 4.90 7.24 -14.72
C VAL B 168 5.37 6.59 -13.42
N ALA B 169 6.65 6.80 -13.10
CA ALA B 169 7.20 6.40 -11.81
C ALA B 169 7.60 7.66 -11.04
N ASP B 170 7.34 7.66 -9.73
CA ASP B 170 7.64 8.78 -8.84
C ASP B 170 9.14 8.87 -8.58
N SER B 171 9.72 10.08 -8.70
CA SER B 171 11.17 10.26 -8.43
C SER B 171 11.60 9.95 -6.99
N SER B 172 10.63 9.73 -6.08
CA SER B 172 10.99 9.42 -4.69
C SER B 172 11.66 8.05 -4.52
N ARG B 173 11.55 7.20 -5.54
CA ARG B 173 12.39 6.00 -5.65
C ARG B 173 12.97 5.91 -7.04
N ASN B 174 13.74 4.86 -7.32
CA ASN B 174 14.37 4.65 -8.63
C ASN B 174 13.51 3.83 -9.59
N GLY B 175 12.22 4.13 -9.65
CA GLY B 175 11.30 3.29 -10.41
C GLY B 175 11.43 3.51 -11.90
N ALA B 176 10.88 2.57 -12.67
CA ALA B 176 10.95 2.63 -14.12
C ALA B 176 9.60 2.36 -14.72
N ALA B 177 9.25 3.17 -15.73
CA ALA B 177 8.09 2.92 -16.54
C ALA B 177 8.59 2.36 -17.86
N ILE B 178 8.00 1.25 -18.30
CA ILE B 178 8.40 0.61 -19.56
C ILE B 178 7.21 0.35 -20.44
N GLY B 179 7.14 1.06 -21.56
CA GLY B 179 6.10 0.84 -22.55
C GLY B 179 6.34 -0.35 -23.45
N ILE B 180 5.26 -0.96 -23.93
CA ILE B 180 5.35 -2.13 -24.81
C ILE B 180 4.97 -1.70 -26.23
N ASN B 181 5.88 -1.99 -27.16
CA ASN B 181 5.62 -1.78 -28.58
C ASN B 181 6.05 -3.06 -29.31
N LEU B 182 5.08 -3.90 -29.64
CA LEU B 182 5.36 -5.25 -30.16
C LEU B 182 5.80 -5.23 -31.62
N LYS B 183 6.82 -6.02 -31.91
CA LYS B 183 7.44 -6.23 -33.26
C LYS B 183 8.81 -5.58 -33.38
C1 AVN C . -0.97 -0.22 5.55
O1 AVN C . -1.38 -1.37 5.26
O2 AVN C . -1.63 0.82 5.44
C2 AVN C . 0.47 -0.07 6.03
N1 AVN C . 0.85 -1.24 6.86
C3 AVN C . 1.23 -0.09 4.74
O3 AVN C . 1.13 1.17 4.03
N2 AVN C . 2.01 0.93 2.97
C4 AVN C . 2.95 0.09 3.42
C5 AVN C . 2.70 -0.24 4.90
#